data_2VKT
#
_entry.id   2VKT
#
_cell.length_a   105.200
_cell.length_b   73.100
_cell.length_c   50.500
_cell.angle_alpha   90.00
_cell.angle_beta   95.60
_cell.angle_gamma   90.00
#
_symmetry.space_group_name_H-M   'C 1 2 1'
#
loop_
_entity.id
_entity.type
_entity.pdbx_description
1 polymer 'CTP SYNTHASE 2'
2 water water
#
_entity_poly.entity_id   1
_entity_poly.type   'polypeptide(L)'
_entity_poly.pdbx_seq_one_letter_code
;MHHHHHHSSGVDLGTENLYFQSMKICSIALVGKYTKLRDCYASVFKALEHSALAINHKLNLMYIDSIDLEKITETEDPVK
FHEAWQKLCKADGILVPGGFGIRGTLGKLQAISWARTKKIPFLGVCLGMQLAVIEFARNCLNLKDADSTEFRPNAPVPLV
IDMPEHNPGNLGGTMRLGIRRTVFKTENSILRKLYGDVPFIEERHRHRFEVNPNLIKQFEQNDLSFVGQDVDGDRMEIIE
LANHPYFVGVQFHPEFSSRPMKPSPPYLGLLLAATGNLNAYLQQGCKLS
;
_entity_poly.pdbx_strand_id   A
#
# COMPACT_ATOMS: atom_id res chain seq x y z
N SER A 22 16.81 16.44 -21.35
CA SER A 22 15.51 16.19 -20.64
C SER A 22 15.51 14.80 -19.98
N MET A 23 14.43 14.47 -19.28
CA MET A 23 14.35 13.23 -18.48
C MET A 23 13.24 12.29 -18.95
N LYS A 24 13.49 10.99 -18.83
CA LYS A 24 12.45 9.96 -19.00
C LYS A 24 11.33 10.09 -17.96
N ILE A 25 10.08 9.89 -18.42
CA ILE A 25 8.87 10.01 -17.58
C ILE A 25 8.47 8.68 -16.91
N CYS A 26 8.23 8.72 -15.60
CA CYS A 26 7.58 7.60 -14.89
C CYS A 26 6.20 8.01 -14.40
N SER A 27 5.18 7.25 -14.79
CA SER A 27 3.81 7.61 -14.43
C SER A 27 3.28 6.77 -13.28
N ILE A 28 2.95 7.46 -12.19
CA ILE A 28 2.40 6.83 -10.99
C ILE A 28 0.97 7.28 -10.75
N ALA A 29 0.10 6.30 -10.50
CA ALA A 29 -1.29 6.58 -10.15
C ALA A 29 -1.46 6.57 -8.63
N LEU A 30 -2.01 7.66 -8.09
CA LEU A 30 -2.33 7.77 -6.66
C LEU A 30 -3.84 7.62 -6.49
N VAL A 31 -4.25 6.52 -5.87
CA VAL A 31 -5.67 6.21 -5.76
C VAL A 31 -6.18 6.59 -4.37
N GLY A 32 -6.76 7.79 -4.28
CA GLY A 32 -7.27 8.32 -3.01
C GLY A 32 -8.60 9.06 -3.08
N LYS A 33 -8.65 10.23 -2.46
CA LYS A 33 -9.87 11.04 -2.40
C LYS A 33 -10.01 12.16 -3.48
N TYR A 34 -8.92 12.53 -4.16
CA TYR A 34 -8.98 13.73 -5.04
C TYR A 34 -8.57 13.52 -6.51
N LYS A 36 -7.05 16.17 -7.88
CA LYS A 36 -5.73 16.80 -7.91
C LYS A 36 -5.00 16.74 -6.54
N LEU A 37 -3.76 17.23 -6.53
CA LEU A 37 -2.95 17.39 -5.33
C LEU A 37 -3.62 18.29 -4.30
N ARG A 38 -4.05 17.72 -3.19
CA ARG A 38 -4.50 18.54 -2.08
C ARG A 38 -3.57 18.41 -0.88
N ASP A 39 -3.58 19.41 0.00
CA ASP A 39 -2.49 19.64 0.96
C ASP A 39 -2.08 18.49 1.86
N CYS A 40 -3.01 17.59 2.16
CA CYS A 40 -2.71 16.48 3.04
C CYS A 40 -1.91 15.36 2.34
N TYR A 41 -1.73 15.46 1.02
CA TYR A 41 -0.83 14.55 0.29
C TYR A 41 0.59 15.11 0.15
N ALA A 42 0.85 16.23 0.82
CA ALA A 42 2.12 16.94 0.67
C ALA A 42 3.35 16.06 0.89
N SER A 43 3.41 15.32 2.00
CA SER A 43 4.55 14.41 2.28
C SER A 43 4.68 13.26 1.29
N VAL A 44 3.54 12.67 0.91
CA VAL A 44 3.48 11.63 -0.11
C VAL A 44 4.09 12.07 -1.45
N PHE A 45 3.72 13.27 -1.92
CA PHE A 45 4.31 13.87 -3.13
C PHE A 45 5.84 14.02 -3.01
N LYS A 46 6.27 14.65 -1.92
CA LYS A 46 7.71 14.83 -1.67
C LYS A 46 8.48 13.49 -1.67
N ALA A 47 7.93 12.48 -1.01
CA ALA A 47 8.61 11.19 -0.98
C ALA A 47 8.69 10.55 -2.36
N LEU A 48 7.66 10.78 -3.19
CA LEU A 48 7.66 10.29 -4.58
C LEU A 48 8.67 11.04 -5.47
N GLU A 49 8.78 12.35 -5.27
CA GLU A 49 9.76 13.21 -5.97
C GLU A 49 11.22 12.83 -5.69
N HIS A 50 11.54 12.61 -4.41
CA HIS A 50 12.89 12.20 -4.02
C HIS A 50 13.32 10.95 -4.76
N SER A 51 12.38 10.00 -4.86
CA SER A 51 12.63 8.70 -5.50
C SER A 51 12.76 8.84 -7.01
N ALA A 52 11.88 9.62 -7.62
CA ALA A 52 11.99 9.90 -9.05
C ALA A 52 13.30 10.60 -9.41
N LEU A 53 13.66 11.64 -8.66
CA LEU A 53 14.91 12.38 -8.91
C LEU A 53 16.14 11.51 -8.70
N ALA A 54 16.10 10.69 -7.65
CA ALA A 54 17.18 9.76 -7.32
C ALA A 54 17.53 8.84 -8.49
N ILE A 55 16.52 8.32 -9.18
CA ILE A 55 16.75 7.43 -10.34
C ILE A 55 16.67 8.16 -11.68
N ASN A 56 16.60 9.49 -11.62
CA ASN A 56 16.73 10.33 -12.81
C ASN A 56 15.51 10.30 -13.76
N HIS A 57 14.31 10.34 -13.18
CA HIS A 57 13.07 10.40 -13.95
C HIS A 57 12.23 11.60 -13.56
N LYS A 58 11.50 12.15 -14.53
CA LYS A 58 10.44 13.10 -14.20
C LYS A 58 9.20 12.32 -13.74
N LEU A 59 8.68 12.71 -12.57
CA LEU A 59 7.50 12.11 -12.02
C LEU A 59 6.24 12.69 -12.65
N ASN A 60 5.40 11.82 -13.19
CA ASN A 60 4.05 12.19 -13.62
C ASN A 60 3.02 11.54 -12.69
N LEU A 61 2.58 12.30 -11.69
CA LEU A 61 1.63 11.82 -10.70
C LEU A 61 0.20 12.02 -11.19
N MET A 62 -0.50 10.91 -11.40
CA MET A 62 -1.91 10.95 -11.81
C MET A 62 -2.81 10.66 -10.61
N TYR A 63 -3.70 11.60 -10.28
CA TYR A 63 -4.59 11.50 -9.11
C TYR A 63 -5.95 10.95 -9.47
N ILE A 64 -6.35 9.88 -8.80
CA ILE A 64 -7.64 9.26 -9.04
C ILE A 64 -8.50 9.32 -7.78
N ASP A 65 -9.69 9.86 -7.96
CA ASP A 65 -10.72 9.76 -6.96
C ASP A 65 -11.25 8.34 -6.99
N SER A 66 -10.86 7.59 -5.96
CA SER A 66 -11.21 6.19 -5.72
C SER A 66 -12.63 5.82 -6.14
N ILE A 67 -13.58 6.70 -5.81
CA ILE A 67 -14.98 6.46 -6.15
C ILE A 67 -15.22 6.33 -7.67
N ASP A 68 -14.45 7.08 -8.47
CA ASP A 68 -14.61 7.10 -9.93
C ASP A 68 -14.34 5.75 -10.57
N LEU A 69 -13.57 4.89 -9.90
CA LEU A 69 -13.30 3.54 -10.41
C LEU A 69 -14.43 2.55 -10.15
N GLU A 70 -15.42 2.91 -9.33
CA GLU A 70 -16.46 1.97 -8.88
C GLU A 70 -17.58 1.76 -9.90
N LYS A 71 -18.30 0.65 -9.79
CA LYS A 71 -19.47 0.37 -10.64
C LYS A 71 -20.52 1.47 -10.66
N ILE A 72 -20.81 2.04 -9.48
CA ILE A 72 -21.78 3.13 -9.35
C ILE A 72 -21.53 4.32 -10.31
N THR A 73 -20.26 4.65 -10.50
CA THR A 73 -19.86 5.77 -11.36
C THR A 73 -20.01 5.39 -12.83
N GLU A 74 -19.82 4.12 -13.17
CA GLU A 74 -20.06 3.67 -14.54
C GLU A 74 -21.53 3.89 -14.94
N THR A 75 -22.44 3.58 -14.02
CA THR A 75 -23.89 3.78 -14.17
C THR A 75 -24.27 5.24 -14.26
N GLU A 76 -23.67 6.06 -13.41
CA GLU A 76 -24.12 7.44 -13.22
C GLU A 76 -23.25 8.48 -13.93
N ASP A 77 -21.95 8.19 -14.06
CA ASP A 77 -21.05 9.10 -14.75
C ASP A 77 -19.98 8.35 -15.55
N PRO A 78 -20.41 7.67 -16.64
CA PRO A 78 -19.50 6.79 -17.40
C PRO A 78 -18.26 7.50 -17.96
N VAL A 79 -18.39 8.77 -18.35
CA VAL A 79 -17.24 9.55 -18.81
C VAL A 79 -16.13 9.62 -17.76
N LYS A 80 -16.52 9.88 -16.52
CA LYS A 80 -15.58 9.90 -15.39
C LYS A 80 -14.95 8.53 -15.09
N PHE A 81 -15.77 7.49 -15.21
CA PHE A 81 -15.37 6.11 -14.95
C PHE A 81 -14.27 5.69 -15.91
N HIS A 82 -14.49 5.93 -17.20
CA HIS A 82 -13.48 5.65 -18.21
C HIS A 82 -12.24 6.56 -18.11
N GLU A 83 -12.42 7.81 -17.71
CA GLU A 83 -11.27 8.71 -17.42
C GLU A 83 -10.36 8.11 -16.35
N ALA A 84 -10.97 7.65 -15.26
CA ALA A 84 -10.26 7.00 -14.18
C ALA A 84 -9.61 5.68 -14.59
N TRP A 85 -10.33 4.83 -15.32
CA TRP A 85 -9.75 3.56 -15.70
C TRP A 85 -8.58 3.66 -16.70
N GLN A 86 -8.59 4.68 -17.53
CA GLN A 86 -7.50 4.93 -18.47
C GLN A 86 -6.22 5.36 -17.75
N LYS A 87 -6.37 6.25 -16.77
CA LYS A 87 -5.27 6.62 -15.89
C LYS A 87 -4.67 5.41 -15.15
N LEU A 88 -5.51 4.59 -14.51
CA LEU A 88 -5.00 3.39 -13.83
C LEU A 88 -4.28 2.45 -14.79
N CYS A 89 -4.82 2.30 -15.99
CA CYS A 89 -4.32 1.29 -16.92
C CYS A 89 -3.01 1.67 -17.61
N LYS A 90 -2.73 2.97 -17.69
CA LYS A 90 -1.45 3.39 -18.25
C LYS A 90 -0.35 3.56 -17.20
N ALA A 91 -0.64 3.27 -15.93
CA ALA A 91 0.27 3.55 -14.81
C ALA A 91 1.44 2.55 -14.78
N ASP A 92 2.65 3.05 -14.58
CA ASP A 92 3.84 2.19 -14.50
C ASP A 92 3.92 1.61 -13.11
N GLY A 93 3.37 2.35 -12.14
CA GLY A 93 3.28 1.92 -10.76
C GLY A 93 2.06 2.56 -10.12
N ILE A 94 1.57 1.91 -9.05
CA ILE A 94 0.32 2.28 -8.38
C ILE A 94 0.51 2.44 -6.84
N LEU A 95 -0.14 3.43 -6.26
CA LEU A 95 0.00 3.74 -4.83
C LEU A 95 -1.37 3.99 -4.20
N VAL A 96 -1.65 3.26 -3.11
CA VAL A 96 -2.82 3.54 -2.29
C VAL A 96 -2.33 4.08 -0.97
N PRO A 97 -2.38 5.42 -0.81
CA PRO A 97 -1.84 6.06 0.38
C PRO A 97 -2.77 5.88 1.55
N GLY A 98 -2.34 6.34 2.71
CA GLY A 98 -3.02 6.05 3.95
C GLY A 98 -3.92 7.15 4.41
N GLY A 99 -4.81 7.62 3.54
CA GLY A 99 -5.93 8.43 3.99
C GLY A 99 -6.87 7.59 4.83
N PHE A 100 -7.82 8.24 5.50
CA PHE A 100 -8.76 7.53 6.38
C PHE A 100 -10.18 7.60 5.80
N GLY A 101 -11.02 6.66 6.20
CA GLY A 101 -12.42 6.69 5.82
C GLY A 101 -12.93 5.41 5.24
N ILE A 102 -14.24 5.25 5.30
CA ILE A 102 -14.93 4.23 4.53
C ILE A 102 -15.04 4.69 3.05
N ARG A 103 -14.77 5.98 2.79
CA ARG A 103 -14.97 6.59 1.46
C ARG A 103 -14.08 6.05 0.32
N GLY A 104 -14.70 5.44 -0.69
CA GLY A 104 -13.97 4.97 -1.88
C GLY A 104 -13.14 3.74 -1.59
N THR A 105 -13.52 3.04 -0.53
CA THR A 105 -12.96 1.77 -0.14
C THR A 105 -13.10 0.74 -1.25
N LEU A 106 -14.28 0.71 -1.85
CA LEU A 106 -14.57 -0.20 -2.94
C LEU A 106 -13.66 -0.01 -4.17
N GLY A 107 -13.48 1.25 -4.58
CA GLY A 107 -12.59 1.57 -5.70
C GLY A 107 -11.13 1.26 -5.42
N LYS A 108 -10.70 1.44 -4.16
CA LYS A 108 -9.33 1.08 -3.78
C LYS A 108 -9.10 -0.41 -3.93
N LEU A 109 -10.08 -1.22 -3.51
CA LEU A 109 -10.02 -2.67 -3.71
C LEU A 109 -9.89 -3.07 -5.19
N GLN A 110 -10.65 -2.39 -6.05
CA GLN A 110 -10.57 -2.57 -7.50
C GLN A 110 -9.18 -2.24 -8.04
N ALA A 111 -8.57 -1.19 -7.52
CA ALA A 111 -7.23 -0.80 -7.96
C ALA A 111 -6.19 -1.83 -7.52
N ILE A 112 -6.36 -2.39 -6.33
CA ILE A 112 -5.45 -3.39 -5.78
C ILE A 112 -5.51 -4.72 -6.56
N SER A 113 -6.73 -5.17 -6.88
CA SER A 113 -6.88 -6.36 -7.74
C SER A 113 -6.15 -6.20 -9.07
N TRP A 114 -6.32 -5.02 -9.70
CA TRP A 114 -5.67 -4.69 -10.96
C TRP A 114 -4.15 -4.82 -10.85
N ALA A 115 -3.57 -4.13 -9.87
CA ALA A 115 -2.12 -4.14 -9.68
C ALA A 115 -1.60 -5.55 -9.40
N ARG A 116 -2.41 -6.34 -8.68
CA ARG A 116 -2.06 -7.71 -8.32
C ARG A 116 -2.09 -8.66 -9.52
N THR A 117 -3.24 -8.77 -10.17
CA THR A 117 -3.39 -9.67 -11.32
C THR A 117 -2.54 -9.26 -12.55
N LYS A 118 -2.36 -7.96 -12.77
CA LYS A 118 -1.63 -7.46 -13.95
C LYS A 118 -0.17 -7.15 -13.73
N LYS A 119 0.36 -7.55 -12.57
CA LYS A 119 1.80 -7.45 -12.22
C LYS A 119 2.38 -6.03 -12.14
N ILE A 120 1.51 -5.05 -11.89
CA ILE A 120 1.93 -3.64 -11.80
C ILE A 120 2.53 -3.36 -10.42
N PRO A 121 3.72 -2.72 -10.38
CA PRO A 121 4.30 -2.31 -9.09
C PRO A 121 3.28 -1.53 -8.22
N PHE A 122 3.20 -1.93 -6.93
CA PHE A 122 2.17 -1.44 -6.02
C PHE A 122 2.70 -1.16 -4.60
N LEU A 123 2.20 -0.09 -3.98
CA LEU A 123 2.50 0.21 -2.57
C LEU A 123 1.25 0.63 -1.80
N GLY A 124 1.01 -0.01 -0.66
CA GLY A 124 -0.15 0.31 0.16
C GLY A 124 0.30 0.80 1.51
N VAL A 125 -0.14 1.99 1.89
CA VAL A 125 0.26 2.61 3.14
C VAL A 125 -0.91 2.62 4.13
N CYS A 126 -0.74 1.92 5.26
CA CYS A 126 -1.69 1.95 6.38
C CYS A 126 -3.03 1.32 5.98
N LEU A 127 -4.09 2.11 5.87
CA LEU A 127 -5.35 1.58 5.37
C LEU A 127 -5.18 0.89 4.02
N GLY A 128 -4.22 1.36 3.22
CA GLY A 128 -3.89 0.73 1.95
C GLY A 128 -3.37 -0.68 2.13
N MET A 129 -2.59 -0.91 3.19
CA MET A 129 -2.05 -2.24 3.49
C MET A 129 -3.18 -3.16 3.90
N GLN A 130 -4.06 -2.64 4.75
CA GLN A 130 -5.19 -3.39 5.29
C GLN A 130 -6.14 -3.85 4.21
N LEU A 131 -6.40 -2.97 3.23
CA LEU A 131 -7.25 -3.33 2.09
C LEU A 131 -6.59 -4.37 1.19
N ALA A 132 -5.27 -4.29 1.01
CA ALA A 132 -4.55 -5.31 0.22
C ALA A 132 -4.63 -6.70 0.89
N VAL A 133 -4.66 -6.73 2.22
CA VAL A 133 -4.75 -7.96 2.96
C VAL A 133 -6.11 -8.60 2.72
N ILE A 134 -7.16 -7.78 2.82
CA ILE A 134 -8.54 -8.18 2.58
C ILE A 134 -8.75 -8.68 1.14
N GLU A 135 -8.21 -7.95 0.16
CA GLU A 135 -8.39 -8.28 -1.24
C GLU A 135 -7.78 -9.64 -1.53
N PHE A 136 -6.67 -9.93 -0.86
CA PHE A 136 -5.96 -11.18 -1.05
C PHE A 136 -6.75 -12.34 -0.46
N ALA A 137 -7.33 -12.12 0.72
CA ALA A 137 -8.11 -13.15 1.39
C ALA A 137 -9.30 -13.50 0.51
N ARG A 138 -10.02 -12.44 0.11
CA ARG A 138 -11.16 -12.55 -0.81
C ARG A 138 -10.87 -13.31 -2.13
N ASN A 139 -9.83 -12.94 -2.85
CA ASN A 139 -9.66 -13.47 -4.21
C ASN A 139 -8.54 -14.49 -4.39
N CYS A 140 -7.69 -14.68 -3.39
CA CYS A 140 -6.69 -15.75 -3.45
C CYS A 140 -6.88 -16.87 -2.42
N LEU A 141 -7.48 -16.54 -1.27
CA LEU A 141 -7.76 -17.54 -0.24
C LEU A 141 -9.22 -17.92 -0.24
N ASN A 142 -10.01 -17.21 -1.04
CA ASN A 142 -11.45 -17.46 -1.20
C ASN A 142 -12.32 -17.41 0.06
N LEU A 143 -11.94 -16.55 0.99
CA LEU A 143 -12.85 -16.13 2.05
C LEU A 143 -13.59 -14.90 1.55
N LYS A 144 -14.74 -15.14 0.92
CA LYS A 144 -15.48 -14.10 0.17
C LYS A 144 -15.98 -12.93 1.03
N ASP A 145 -16.14 -13.16 2.33
CA ASP A 145 -16.70 -12.12 3.22
C ASP A 145 -15.68 -11.50 4.17
N ALA A 146 -14.41 -11.79 3.98
CA ALA A 146 -13.37 -11.20 4.82
C ALA A 146 -13.52 -9.67 4.82
N ASP A 147 -13.52 -9.07 6.00
CA ASP A 147 -13.82 -7.65 6.13
C ASP A 147 -13.06 -7.01 7.30
N SER A 148 -13.29 -5.71 7.49
CA SER A 148 -12.71 -4.90 8.56
C SER A 148 -13.83 -4.42 9.47
N THR A 149 -13.64 -4.59 10.77
CA THR A 149 -14.65 -4.18 11.75
C THR A 149 -14.75 -2.65 11.91
N GLU A 150 -13.74 -1.92 11.43
CA GLU A 150 -13.84 -0.47 11.24
C GLU A 150 -15.07 -0.06 10.43
N PHE A 151 -15.50 -0.89 9.47
CA PHE A 151 -16.61 -0.54 8.58
C PHE A 151 -17.93 -1.28 8.83
N ARG A 152 -17.89 -2.61 8.89
CA ARG A 152 -19.00 -3.38 9.49
C ARG A 152 -18.55 -3.96 10.84
N PRO A 153 -18.93 -3.28 11.94
CA PRO A 153 -18.53 -3.70 13.30
C PRO A 153 -18.94 -5.14 13.65
N ASN A 154 -20.00 -5.65 13.06
CA ASN A 154 -20.42 -7.02 13.31
C ASN A 154 -20.00 -8.05 12.24
N ALA A 155 -19.02 -7.70 11.40
CA ALA A 155 -18.59 -8.56 10.30
C ALA A 155 -18.33 -10.01 10.73
N PRO A 156 -19.01 -10.97 10.08
CA PRO A 156 -18.85 -12.43 10.32
C PRO A 156 -17.42 -12.99 10.15
N VAL A 157 -16.64 -12.38 9.27
CA VAL A 157 -15.25 -12.81 9.04
C VAL A 157 -14.31 -11.63 9.37
N PRO A 158 -13.96 -11.49 10.67
CA PRO A 158 -13.28 -10.28 11.09
C PRO A 158 -11.76 -10.34 10.88
N LEU A 159 -11.34 -10.13 9.63
CA LEU A 159 -9.92 -10.19 9.26
C LEU A 159 -9.07 -9.02 9.77
N VAL A 160 -9.65 -7.82 9.77
CA VAL A 160 -9.01 -6.62 10.30
C VAL A 160 -9.85 -6.14 11.49
N ILE A 161 -9.18 -5.94 12.62
CA ILE A 161 -9.87 -5.72 13.90
C ILE A 161 -9.32 -4.55 14.71
N ASP A 162 -10.10 -4.12 15.70
CA ASP A 162 -9.69 -3.05 16.58
C ASP A 162 -8.77 -3.58 17.70
N MET A 163 -7.50 -3.17 17.65
CA MET A 163 -6.49 -3.64 18.59
C MET A 163 -5.68 -2.46 19.15
N PRO A 164 -6.27 -1.69 20.09
CA PRO A 164 -5.56 -0.52 20.61
C PRO A 164 -4.53 -0.84 21.68
N GLU A 165 -3.48 -0.02 21.78
CA GLU A 165 -2.51 -0.11 22.89
C GLU A 165 -3.17 0.35 24.19
N HIS A 166 -3.24 -0.54 25.18
CA HIS A 166 -3.93 -0.26 26.45
C HIS A 166 -2.96 0.29 27.50
N THR A 174 -6.29 3.17 23.16
CA THR A 174 -5.81 4.26 22.29
C THR A 174 -4.91 3.80 21.13
N MET A 175 -4.49 4.75 20.30
CA MET A 175 -3.92 4.43 19.01
C MET A 175 -2.41 4.25 19.03
N ARG A 176 -1.88 3.40 18.16
CA ARG A 176 -0.42 3.23 18.05
C ARG A 176 0.16 4.46 17.35
N LEU A 177 0.97 5.24 18.10
CA LEU A 177 1.44 6.57 17.69
C LEU A 177 2.94 6.83 17.88
N GLY A 178 3.44 7.92 17.28
CA GLY A 178 4.85 8.31 17.40
C GLY A 178 5.78 7.44 16.58
N ILE A 179 7.09 7.62 16.77
CA ILE A 179 8.09 6.76 16.14
C ILE A 179 8.11 5.41 16.86
N ARG A 180 8.05 4.32 16.11
CA ARG A 180 8.06 2.99 16.71
C ARG A 180 8.93 2.01 15.94
N ARG A 181 9.30 0.93 16.61
CA ARG A 181 10.12 -0.13 16.02
C ARG A 181 9.24 -1.07 15.20
N THR A 182 9.75 -1.52 14.05
CA THR A 182 9.16 -2.64 13.33
C THR A 182 10.29 -3.63 13.10
N VAL A 183 10.08 -4.89 13.50
CA VAL A 183 11.15 -5.90 13.38
C VAL A 183 10.88 -6.91 12.26
N PHE A 184 11.82 -7.03 11.33
CA PHE A 184 11.74 -8.03 10.25
C PHE A 184 11.71 -9.44 10.80
N LYS A 185 10.93 -10.30 10.17
CA LYS A 185 10.73 -11.65 10.68
C LYS A 185 11.53 -12.66 9.89
N THR A 186 12.17 -12.19 8.82
CA THR A 186 12.89 -13.03 7.87
C THR A 186 14.00 -12.24 7.16
N GLU A 187 14.90 -12.95 6.49
CA GLU A 187 15.96 -12.30 5.70
C GLU A 187 15.63 -12.20 4.20
N ASN A 188 14.71 -13.03 3.73
CA ASN A 188 14.24 -12.95 2.33
C ASN A 188 13.14 -11.90 2.18
N SER A 189 13.54 -10.64 2.05
CA SER A 189 12.59 -9.55 1.94
C SER A 189 13.17 -8.42 1.13
N ILE A 190 12.43 -8.00 0.12
CA ILE A 190 12.82 -6.87 -0.72
C ILE A 190 12.91 -5.57 0.11
N LEU A 191 12.00 -5.38 1.07
CA LEU A 191 12.06 -4.18 1.88
C LEU A 191 13.26 -4.14 2.81
N ARG A 192 13.58 -5.28 3.43
CA ARG A 192 14.80 -5.39 4.25
C ARG A 192 16.03 -4.95 3.46
N LYS A 193 16.17 -5.46 2.23
CA LYS A 193 17.29 -5.08 1.36
C LYS A 193 17.31 -3.60 1.02
N LEU A 194 16.16 -3.03 0.68
CA LEU A 194 16.07 -1.60 0.37
C LEU A 194 16.43 -0.72 1.58
N TYR A 195 16.10 -1.22 2.77
CA TYR A 195 16.41 -0.54 4.03
C TYR A 195 17.85 -0.83 4.52
N GLY A 196 18.62 -1.62 3.77
CA GLY A 196 20.04 -1.81 4.05
C GLY A 196 20.39 -3.00 4.90
N ASP A 197 19.50 -3.99 4.92
CA ASP A 197 19.69 -5.25 5.65
C ASP A 197 19.61 -5.16 7.18
N VAL A 198 19.12 -4.03 7.68
CA VAL A 198 18.93 -3.83 9.12
C VAL A 198 17.92 -4.87 9.65
N PRO A 199 18.10 -5.33 10.91
CA PRO A 199 17.10 -6.27 11.45
C PRO A 199 15.80 -5.59 11.92
N PHE A 200 15.75 -4.26 11.91
CA PHE A 200 14.58 -3.52 12.37
C PHE A 200 14.63 -2.06 11.89
N ILE A 201 13.47 -1.42 11.78
CA ILE A 201 13.38 0.00 11.37
C ILE A 201 12.51 0.82 12.28
N GLU A 202 12.63 2.14 12.15
CA GLU A 202 11.84 3.08 12.96
C GLU A 202 11.12 4.10 12.08
N GLU A 203 9.79 4.10 12.13
CA GLU A 203 8.97 4.97 11.28
C GLU A 203 7.81 5.54 12.10
N ARG A 204 7.05 6.47 11.53
CA ARG A 204 5.92 7.08 12.25
C ARG A 204 4.59 6.33 12.02
N HIS A 205 3.82 6.18 13.10
CA HIS A 205 2.61 5.37 13.13
C HIS A 205 1.37 6.16 13.51
N ARG A 206 0.24 5.74 12.94
CA ARG A 206 -1.05 6.27 13.34
C ARG A 206 -2.15 5.29 12.93
N HIS A 207 -2.36 4.26 13.74
CA HIS A 207 -3.33 3.21 13.42
C HIS A 207 -3.75 2.39 14.64
N ARG A 208 -4.96 1.87 14.60
CA ARG A 208 -5.47 1.03 15.66
C ARG A 208 -6.14 -0.24 15.12
N PHE A 209 -6.40 -0.28 13.81
CA PHE A 209 -6.97 -1.47 13.14
C PHE A 209 -5.92 -2.41 12.56
N GLU A 210 -5.87 -3.64 13.05
CA GLU A 210 -4.77 -4.55 12.71
C GLU A 210 -5.27 -5.86 12.13
N VAL A 211 -4.37 -6.59 11.45
CA VAL A 211 -4.63 -7.95 11.02
C VAL A 211 -4.97 -8.84 12.25
N ASN A 212 -6.04 -9.62 12.14
CA ASN A 212 -6.49 -10.54 13.19
C ASN A 212 -5.54 -11.75 13.33
N PRO A 213 -4.89 -11.87 14.49
CA PRO A 213 -3.97 -13.00 14.74
C PRO A 213 -4.65 -14.38 14.60
N ASN A 214 -5.95 -14.45 14.91
CA ASN A 214 -6.72 -15.69 14.73
C ASN A 214 -6.79 -16.17 13.29
N LEU A 215 -6.67 -15.26 12.33
CA LEU A 215 -6.78 -15.63 10.91
C LEU A 215 -5.46 -15.76 10.16
N ILE A 216 -4.34 -15.48 10.85
CA ILE A 216 -3.00 -15.52 10.24
C ILE A 216 -2.66 -16.88 9.62
N LYS A 217 -3.05 -17.96 10.31
CA LYS A 217 -2.77 -19.33 9.87
C LYS A 217 -3.29 -19.63 8.45
N GLN A 218 -4.45 -19.08 8.09
CA GLN A 218 -5.04 -19.31 6.76
C GLN A 218 -4.20 -18.79 5.58
N PHE A 219 -3.13 -18.06 5.89
CA PHE A 219 -2.24 -17.48 4.89
C PHE A 219 -1.01 -18.35 4.55
N GLU A 220 -0.71 -19.34 5.42
CA GLU A 220 0.44 -20.24 5.20
C GLU A 220 0.40 -20.90 3.83
N GLN A 221 1.58 -21.03 3.21
CA GLN A 221 1.71 -21.67 1.90
C GLN A 221 0.88 -21.05 0.77
N ASN A 222 0.45 -19.81 0.97
CA ASN A 222 0.10 -18.96 -0.14
C ASN A 222 1.15 -17.86 -0.31
N ASP A 223 1.00 -17.07 -1.37
CA ASP A 223 2.04 -16.15 -1.83
C ASP A 223 2.25 -14.84 -1.03
N LEU A 224 1.27 -14.44 -0.22
CA LEU A 224 1.40 -13.23 0.60
C LEU A 224 2.06 -13.55 1.93
N SER A 225 3.16 -12.86 2.23
CA SER A 225 3.88 -13.06 3.49
C SER A 225 3.82 -11.85 4.40
N PHE A 226 3.68 -12.11 5.70
CA PHE A 226 3.87 -11.09 6.71
C PHE A 226 5.33 -11.10 7.05
N VAL A 227 5.99 -10.02 6.68
CA VAL A 227 7.43 -9.94 6.67
C VAL A 227 7.96 -9.03 7.79
N GLY A 228 7.05 -8.36 8.49
CA GLY A 228 7.39 -7.35 9.50
C GLY A 228 6.35 -7.27 10.60
N GLN A 229 6.80 -6.90 11.79
CA GLN A 229 6.00 -7.03 13.01
C GLN A 229 6.31 -5.91 13.97
N ASP A 230 5.38 -5.61 14.88
CA ASP A 230 5.76 -4.78 16.03
C ASP A 230 6.68 -5.59 16.99
N VAL A 231 7.26 -4.91 17.97
CA VAL A 231 8.17 -5.56 18.93
C VAL A 231 7.48 -6.68 19.76
N ASP A 232 6.25 -6.42 20.20
CA ASP A 232 5.44 -7.42 20.89
C ASP A 232 5.05 -8.67 20.05
N GLY A 233 5.09 -8.55 18.72
CA GLY A 233 4.70 -9.64 17.81
C GLY A 233 3.21 -9.87 17.65
N ASP A 234 2.40 -8.88 17.99
CA ASP A 234 0.94 -8.99 17.87
C ASP A 234 0.36 -8.35 16.62
N ARG A 235 1.12 -7.43 16.02
CA ARG A 235 0.69 -6.62 14.88
C ARG A 235 1.53 -6.85 13.63
N MET A 236 0.91 -7.35 12.58
CA MET A 236 1.59 -7.46 11.27
C MET A 236 1.69 -6.09 10.55
N GLU A 237 2.90 -5.65 10.25
CA GLU A 237 3.09 -4.26 9.77
C GLU A 237 3.77 -4.09 8.41
N ILE A 238 4.23 -5.19 7.83
CA ILE A 238 4.78 -5.19 6.48
C ILE A 238 4.36 -6.47 5.78
N ILE A 239 3.85 -6.34 4.56
CA ILE A 239 3.51 -7.50 3.73
C ILE A 239 4.20 -7.45 2.37
N GLU A 240 4.54 -8.62 1.82
CA GLU A 240 5.10 -8.75 0.48
C GLU A 240 4.48 -9.93 -0.25
N LEU A 241 4.32 -9.76 -1.56
CA LEU A 241 3.77 -10.80 -2.44
C LEU A 241 4.85 -11.41 -3.35
N ALA A 242 4.96 -12.74 -3.27
CA ALA A 242 5.83 -13.52 -4.15
C ALA A 242 5.20 -13.64 -5.54
N ASN A 243 6.05 -13.83 -6.54
CA ASN A 243 5.63 -13.95 -7.96
C ASN A 243 5.00 -12.68 -8.51
N HIS A 244 5.49 -11.53 -8.03
CA HIS A 244 5.10 -10.21 -8.49
C HIS A 244 6.36 -9.37 -8.38
N PRO A 245 6.65 -8.55 -9.41
CA PRO A 245 7.88 -7.74 -9.39
C PRO A 245 8.09 -6.84 -8.14
N TYR A 246 7.00 -6.30 -7.58
CA TYR A 246 7.00 -5.38 -6.43
C TYR A 246 5.58 -5.08 -5.94
N PHE A 247 5.12 -5.85 -4.95
CA PHE A 247 3.79 -5.65 -4.36
C PHE A 247 3.94 -5.58 -2.84
N VAL A 248 3.96 -4.34 -2.32
CA VAL A 248 4.36 -4.11 -0.95
C VAL A 248 3.27 -3.38 -0.15
N GLY A 249 3.05 -3.83 1.08
CA GLY A 249 2.13 -3.13 1.97
C GLY A 249 2.82 -2.77 3.26
N VAL A 250 2.40 -1.66 3.87
CA VAL A 250 3.09 -1.08 5.02
C VAL A 250 2.09 -0.37 5.97
N GLN A 251 2.14 -0.72 7.25
CA GLN A 251 1.22 -0.17 8.28
C GLN A 251 1.54 1.28 8.71
N PHE A 252 2.82 1.57 8.87
CA PHE A 252 3.29 2.92 9.18
C PHE A 252 3.28 3.85 7.96
N HIS A 253 3.56 5.12 8.17
CA HIS A 253 3.58 6.13 7.11
C HIS A 253 5.02 6.47 6.77
N PRO A 254 5.62 5.76 5.79
CA PRO A 254 7.06 5.96 5.53
C PRO A 254 7.47 7.32 4.94
N GLU A 255 6.53 8.14 4.48
CA GLU A 255 6.84 9.48 3.92
C GLU A 255 7.56 10.36 4.92
N PHE A 256 7.25 10.16 6.20
CA PHE A 256 7.61 11.13 7.22
C PHE A 256 9.11 11.18 7.56
N SER A 257 9.86 10.26 6.95
CA SER A 257 11.31 10.28 7.03
C SER A 257 11.99 10.21 5.66
N SER A 258 11.27 10.56 4.59
CA SER A 258 11.92 10.64 3.29
C SER A 258 12.70 11.95 3.19
N ARG A 259 13.88 11.88 2.60
CA ARG A 259 14.64 13.09 2.29
C ARG A 259 15.39 12.96 0.95
N PRO A 260 15.77 14.09 0.32
CA PRO A 260 16.30 14.06 -1.06
C PRO A 260 17.51 13.18 -1.25
N MET A 261 18.39 13.10 -0.25
CA MET A 261 19.60 12.24 -0.32
C MET A 261 19.40 10.84 0.31
N LYS A 262 18.22 10.62 0.89
CA LYS A 262 17.83 9.28 1.35
C LYS A 262 16.31 9.14 1.17
N PRO A 263 15.87 8.75 -0.05
CA PRO A 263 14.43 8.62 -0.30
C PRO A 263 13.87 7.46 0.51
N SER A 264 12.66 7.65 1.06
CA SER A 264 11.97 6.60 1.79
C SER A 264 12.03 5.32 0.97
N PRO A 265 12.69 4.28 1.50
CA PRO A 265 12.89 3.04 0.73
C PRO A 265 11.63 2.38 0.12
N PRO A 266 10.50 2.29 0.86
CA PRO A 266 9.28 1.73 0.24
C PRO A 266 8.86 2.47 -1.04
N TYR A 267 9.05 3.79 -1.05
CA TYR A 267 8.76 4.64 -2.19
C TYR A 267 9.80 4.51 -3.27
N LEU A 268 11.05 4.33 -2.87
CA LEU A 268 12.15 4.17 -3.82
C LEU A 268 12.02 2.83 -4.55
N GLY A 269 11.64 1.80 -3.81
CA GLY A 269 11.35 0.51 -4.42
C GLY A 269 10.24 0.63 -5.47
N LEU A 270 9.16 1.32 -5.12
CA LEU A 270 8.07 1.54 -6.07
C LEU A 270 8.60 2.11 -7.38
N LEU A 271 9.32 3.23 -7.30
CA LEU A 271 9.85 3.86 -8.49
C LEU A 271 10.88 3.03 -9.26
N LEU A 272 11.76 2.34 -8.55
CA LEU A 272 12.74 1.45 -9.18
C LEU A 272 12.03 0.38 -9.99
N ALA A 273 11.04 -0.28 -9.38
CA ALA A 273 10.25 -1.31 -10.05
C ALA A 273 9.43 -0.74 -11.21
N ALA A 274 8.89 0.45 -11.03
CA ALA A 274 8.03 1.06 -12.04
C ALA A 274 8.78 1.37 -13.33
N THR A 275 10.10 1.47 -13.25
CA THR A 275 10.96 1.79 -14.40
C THR A 275 11.84 0.59 -14.84
N GLY A 276 11.69 -0.56 -14.16
CA GLY A 276 12.41 -1.77 -14.51
C GLY A 276 13.84 -1.87 -13.99
N ASN A 277 14.22 -0.93 -13.13
CA ASN A 277 15.58 -0.84 -12.57
C ASN A 277 15.81 -1.52 -11.21
N LEU A 278 14.88 -2.35 -10.75
CA LEU A 278 14.96 -2.91 -9.39
C LEU A 278 16.13 -3.87 -9.16
N ASN A 279 16.30 -4.85 -10.05
CA ASN A 279 17.43 -5.78 -9.97
C ASN A 279 18.76 -5.06 -9.92
N ALA A 280 19.08 -4.34 -11.00
CA ALA A 280 20.29 -3.54 -11.09
C ALA A 280 20.68 -2.84 -9.78
N TYR A 281 19.69 -2.45 -8.97
CA TYR A 281 19.95 -1.87 -7.65
C TYR A 281 19.83 -2.93 -6.56
#